data_1XDT
#
_entry.id   1XDT
#
_cell.length_a   89.400
_cell.length_b   103.700
_cell.length_c   127.700
_cell.angle_alpha   90.00
_cell.angle_beta   90.00
_cell.angle_gamma   90.00
#
_symmetry.space_group_name_H-M   'C 2 2 21'
#
loop_
_entity.id
_entity.type
_entity.pdbx_description
1 polymer 'DIPHTHERIA TOXIN'
2 polymer 'HEPARIN-BINDING EPIDERMAL GROWTH FACTOR'
3 water water
#
loop_
_entity_poly.entity_id
_entity_poly.type
_entity_poly.pdbx_seq_one_letter_code
_entity_poly.pdbx_strand_id
1 'polypeptide(L)'
;GADDVVDSSKSFVMENFSSYHGTKPGYVDSIQKGIQKPKSGTQGNYDDDWKGFYSTDNKYDAAGYSVDNENPLSGKAGGV
VKVTYPGLTKVLALKVDNAETIKKELGLSLTEPLMEQVGTEEFIKRFGDGASRVVLSLPFAEGSSSVEYINNWEQAKALS
VELEINFETRGKRGQDAMYEYMAQACAGNRVRRSVGSSLSCINLDWDVIRDKTKTKIESLKEHGPIKNKMSESPNKTVSE
EKAKQYLEEFHQTALEHPELSELKTVTGTNPVFAGANYAAWAVNVAQVIDSETADNLEKTTAALSILPGIGSVMGIADGA
VHHNTEEIVAQSIALSSLMVAQAIPLVGELVDIGFAAYNFVESIINLFQVVHNSYNRPAYSPGHKTQPFLHDGYAVSWNT
VEDSIIRTGFQGESGHDIKITAENTPLPIAGVLLPTIPGKLDVNKSKTHISVNGRKIRMRCRAIDGDVTFCRPKSPVYVG
NGVHANLHVAFHRSSSEKIHSNEISSDSIGVLGYQKTVDHTKVNSKLSLFFEIKS
;
T
2 'polypeptide(L)' GSHMRVTLSSKPQALATPNKEEHGKRKKKGKGLGKKRDPCLRKYKDFCIHGECKYVKELRAPSCICHPGYHGERCHGLS R
#
# COMPACT_ATOMS: atom_id res chain seq x y z
N GLY A 1 -4.71 12.74 35.17
CA GLY A 1 -4.89 13.56 33.95
C GLY A 1 -5.64 12.84 32.85
N ALA A 2 -6.96 13.00 32.83
CA ALA A 2 -7.79 12.35 31.82
C ALA A 2 -7.50 12.92 30.43
N ASP A 3 -7.11 14.19 30.38
CA ASP A 3 -6.81 14.85 29.11
C ASP A 3 -5.54 14.31 28.47
N ASP A 4 -4.79 13.51 29.22
CA ASP A 4 -3.54 12.96 28.74
C ASP A 4 -3.68 11.61 28.02
N VAL A 5 -4.78 10.91 28.29
CA VAL A 5 -5.02 9.61 27.67
C VAL A 5 -6.34 9.53 26.92
N VAL A 6 -7.24 10.48 27.16
CA VAL A 6 -8.52 10.50 26.47
C VAL A 6 -8.51 11.58 25.42
N ASP A 7 -8.75 11.18 24.18
CA ASP A 7 -8.80 12.14 23.09
C ASP A 7 -10.25 12.61 23.07
N SER A 8 -10.50 13.75 23.72
CA SER A 8 -11.84 14.29 23.82
C SER A 8 -12.44 14.72 22.48
N SER A 9 -11.61 15.11 21.53
CA SER A 9 -12.11 15.54 20.23
C SER A 9 -12.84 14.38 19.55
N LYS A 10 -12.32 13.18 19.73
CA LYS A 10 -12.88 11.97 19.14
C LYS A 10 -13.82 11.19 20.08
N SER A 11 -14.05 11.74 21.27
CA SER A 11 -14.96 11.15 22.25
C SER A 11 -16.34 11.79 22.06
N PHE A 12 -17.40 11.01 22.23
CA PHE A 12 -18.76 11.52 22.06
C PHE A 12 -19.82 10.57 22.55
N VAL A 13 -21.04 11.08 22.69
CA VAL A 13 -22.20 10.30 23.14
C VAL A 13 -23.23 10.30 22.02
N MET A 14 -23.87 9.15 21.77
CA MET A 14 -24.90 9.08 20.72
C MET A 14 -25.99 8.06 21.01
N GLU A 15 -27.17 8.28 20.44
CA GLU A 15 -28.31 7.39 20.62
C GLU A 15 -28.19 6.29 19.57
N ASN A 16 -28.42 5.04 19.98
CA ASN A 16 -28.31 3.88 19.08
C ASN A 16 -26.93 3.73 18.43
N PHE A 17 -25.88 3.75 19.25
CA PHE A 17 -24.52 3.58 18.75
C PHE A 17 -24.43 2.25 18.01
N SER A 18 -24.05 2.29 16.75
CA SER A 18 -23.93 1.07 15.98
C SER A 18 -22.51 0.83 15.48
N SER A 19 -22.13 -0.43 15.37
CA SER A 19 -20.80 -0.80 14.88
C SER A 19 -20.86 -2.15 14.15
N TYR A 20 -19.73 -2.58 13.59
CA TYR A 20 -19.71 -3.83 12.83
C TYR A 20 -18.76 -4.87 13.40
N HIS A 21 -19.07 -6.13 13.15
CA HIS A 21 -18.25 -7.23 13.65
C HIS A 21 -18.05 -8.33 12.63
N GLY A 22 -16.79 -8.72 12.45
CA GLY A 22 -16.46 -9.79 11.52
C GLY A 22 -16.77 -11.11 12.19
N THR A 23 -17.65 -11.89 11.57
CA THR A 23 -18.09 -13.16 12.10
C THR A 23 -17.53 -14.37 11.36
N LYS A 24 -16.75 -15.17 12.09
CA LYS A 24 -16.12 -16.36 11.53
C LYS A 24 -17.19 -17.29 11.00
N PRO A 25 -16.83 -18.20 10.09
CA PRO A 25 -17.78 -19.17 9.51
C PRO A 25 -18.39 -20.07 10.58
N GLY A 26 -19.66 -20.39 10.41
CA GLY A 26 -20.32 -21.27 11.36
C GLY A 26 -20.90 -20.53 12.53
N TYR A 27 -20.65 -19.23 12.62
CA TYR A 27 -21.17 -18.41 13.71
C TYR A 27 -22.12 -17.30 13.23
N VAL A 28 -22.45 -17.32 11.94
CA VAL A 28 -23.31 -16.31 11.35
C VAL A 28 -24.75 -16.27 11.90
N ASP A 29 -25.37 -17.43 12.04
CA ASP A 29 -26.74 -17.53 12.54
C ASP A 29 -26.79 -17.37 14.06
N SER A 30 -25.87 -18.04 14.74
CA SER A 30 -25.81 -18.01 16.20
C SER A 30 -25.58 -16.62 16.79
N ILE A 31 -24.67 -15.86 16.18
CA ILE A 31 -24.37 -14.51 16.67
C ILE A 31 -25.57 -13.57 16.49
N GLN A 32 -26.46 -13.88 15.56
CA GLN A 32 -27.63 -13.05 15.32
C GLN A 32 -28.67 -13.12 16.42
N LYS A 33 -28.32 -13.75 17.53
CA LYS A 33 -29.23 -13.90 18.66
C LYS A 33 -28.74 -13.13 19.89
N GLY A 34 -27.45 -12.82 19.94
CA GLY A 34 -26.93 -12.09 21.08
C GLY A 34 -25.43 -12.24 21.23
N ILE A 35 -24.80 -11.21 21.81
CA ILE A 35 -23.36 -11.23 22.00
C ILE A 35 -23.07 -11.94 23.30
N GLN A 36 -22.28 -13.00 23.21
CA GLN A 36 -21.94 -13.81 24.36
C GLN A 36 -20.43 -14.07 24.41
N LYS A 37 -19.86 -14.01 25.62
CA LYS A 37 -18.44 -14.29 25.84
C LYS A 37 -18.21 -15.80 25.74
N PRO A 38 -17.00 -16.24 25.33
CA PRO A 38 -16.68 -17.67 25.20
C PRO A 38 -16.48 -18.45 26.51
N ASN A 45 -4.92 -13.53 27.03
CA ASN A 45 -3.70 -12.90 26.46
C ASN A 45 -2.77 -12.41 27.58
N TYR A 46 -1.64 -11.79 27.20
CA TYR A 46 -0.66 -11.27 28.16
C TYR A 46 -1.15 -10.00 28.87
N ASP A 47 -2.20 -9.39 28.32
CA ASP A 47 -2.82 -8.17 28.83
C ASP A 47 -4.29 -8.53 29.14
N ASP A 48 -4.55 -9.15 30.30
CA ASP A 48 -5.91 -9.55 30.68
C ASP A 48 -6.92 -8.41 30.62
N ASP A 49 -6.41 -7.20 30.70
CA ASP A 49 -7.20 -5.98 30.67
C ASP A 49 -8.12 -5.78 29.46
N TRP A 50 -7.69 -6.19 28.28
CA TRP A 50 -8.49 -5.99 27.06
C TRP A 50 -9.42 -7.12 26.70
N LYS A 51 -9.83 -7.90 27.70
CA LYS A 51 -10.79 -8.99 27.45
C LYS A 51 -12.07 -8.24 27.06
N GLY A 52 -12.64 -8.57 25.90
CA GLY A 52 -13.86 -7.91 25.48
C GLY A 52 -14.26 -8.23 24.06
N PHE A 53 -15.48 -7.84 23.70
CA PHE A 53 -16.02 -8.02 22.36
C PHE A 53 -15.57 -6.84 21.48
N TYR A 54 -14.90 -7.15 20.37
CA TYR A 54 -14.37 -6.14 19.45
C TYR A 54 -15.14 -5.92 18.14
N SER A 55 -15.44 -4.68 17.84
CA SER A 55 -16.12 -4.32 16.60
C SER A 55 -15.35 -3.16 15.98
N THR A 56 -15.84 -2.66 14.84
CA THR A 56 -15.19 -1.58 14.13
C THR A 56 -16.23 -0.72 13.44
N ASP A 57 -15.90 0.55 13.15
CA ASP A 57 -16.83 1.46 12.46
C ASP A 57 -16.88 1.23 10.97
N ASN A 58 -16.11 0.27 10.47
CA ASN A 58 -16.08 0.01 9.05
C ASN A 58 -16.46 -1.43 8.74
N LYS A 59 -17.55 -1.61 8.03
CA LYS A 59 -18.01 -2.95 7.68
C LYS A 59 -17.05 -3.72 6.75
N TYR A 60 -16.31 -2.99 5.92
CA TYR A 60 -15.37 -3.63 5.02
C TYR A 60 -14.16 -4.18 5.78
N ASP A 61 -13.68 -3.45 6.78
CA ASP A 61 -12.57 -3.94 7.60
C ASP A 61 -13.13 -5.15 8.37
N ALA A 62 -14.34 -4.99 8.88
CA ALA A 62 -15.02 -6.03 9.63
C ALA A 62 -15.07 -7.31 8.81
N ALA A 63 -15.33 -7.17 7.51
CA ALA A 63 -15.39 -8.31 6.60
C ALA A 63 -14.09 -9.10 6.66
N GLY A 64 -12.98 -8.38 6.60
CA GLY A 64 -11.67 -9.02 6.64
C GLY A 64 -11.54 -10.05 7.75
N TYR A 65 -12.19 -9.80 8.88
CA TYR A 65 -12.13 -10.71 10.01
C TYR A 65 -13.10 -11.89 9.98
N SER A 66 -13.64 -12.21 8.81
CA SER A 66 -14.60 -13.32 8.70
C SER A 66 -14.00 -14.64 8.19
N VAL A 67 -12.69 -14.81 8.29
CA VAL A 67 -12.03 -16.02 7.81
C VAL A 67 -11.69 -17.03 8.92
N ASP A 68 -11.63 -18.32 8.58
CA ASP A 68 -11.28 -19.37 9.56
C ASP A 68 -9.97 -19.02 10.24
N ASN A 69 -9.97 -18.90 11.55
CA ASN A 69 -8.74 -18.60 12.26
C ASN A 69 -7.80 -19.81 12.12
N GLU A 70 -8.38 -20.96 11.76
CA GLU A 70 -7.66 -22.22 11.58
C GLU A 70 -6.88 -22.22 10.29
N ASN A 71 -7.56 -21.86 9.21
CA ASN A 71 -6.98 -21.78 7.87
C ASN A 71 -7.15 -20.33 7.42
N PRO A 72 -6.35 -19.42 7.98
CA PRO A 72 -6.34 -17.98 7.72
C PRO A 72 -5.97 -17.48 6.32
N LEU A 73 -5.10 -18.20 5.62
CA LEU A 73 -4.70 -17.77 4.29
C LEU A 73 -5.76 -18.00 3.23
N SER A 74 -6.29 -19.22 3.18
CA SER A 74 -7.29 -19.57 2.17
C SER A 74 -8.56 -20.30 2.62
N GLY A 75 -9.07 -19.98 3.80
CA GLY A 75 -10.29 -20.63 4.24
C GLY A 75 -11.48 -20.00 3.52
N LYS A 76 -12.67 -20.16 4.10
CA LYS A 76 -13.89 -19.59 3.53
C LYS A 76 -14.30 -18.44 4.42
N ALA A 77 -15.17 -17.58 3.91
CA ALA A 77 -15.61 -16.42 4.68
C ALA A 77 -16.94 -16.62 5.42
N GLY A 78 -17.05 -15.95 6.57
CA GLY A 78 -18.24 -16.02 7.39
C GLY A 78 -19.17 -14.89 7.01
N GLY A 79 -19.05 -13.76 7.70
CA GLY A 79 -19.91 -12.63 7.41
C GLY A 79 -19.72 -11.44 8.32
N VAL A 80 -20.58 -10.43 8.15
CA VAL A 80 -20.50 -9.23 8.97
C VAL A 80 -21.88 -8.95 9.56
N VAL A 81 -21.89 -8.55 10.82
CA VAL A 81 -23.14 -8.22 11.46
C VAL A 81 -23.01 -6.84 12.04
N LYS A 82 -24.14 -6.14 12.11
CA LYS A 82 -24.18 -4.81 12.68
C LYS A 82 -24.79 -4.96 14.08
N VAL A 83 -24.02 -4.52 15.06
CA VAL A 83 -24.44 -4.59 16.44
C VAL A 83 -24.73 -3.18 16.93
N THR A 84 -25.85 -3.00 17.60
CA THR A 84 -26.24 -1.71 18.09
C THR A 84 -26.56 -1.73 19.58
N TYR A 85 -26.24 -0.65 20.25
CA TYR A 85 -26.54 -0.52 21.66
C TYR A 85 -27.82 0.32 21.77
N PRO A 86 -28.78 -0.16 22.59
CA PRO A 86 -30.04 0.56 22.80
C PRO A 86 -29.74 1.76 23.70
N GLY A 87 -30.53 2.83 23.61
CA GLY A 87 -30.27 3.99 24.46
C GLY A 87 -29.00 4.75 24.11
N LEU A 88 -28.35 5.34 25.12
CA LEU A 88 -27.12 6.11 24.87
C LEU A 88 -25.83 5.37 25.20
N THR A 89 -24.83 5.58 24.35
CA THR A 89 -23.52 4.96 24.51
C THR A 89 -22.38 5.99 24.36
N LYS A 90 -21.47 6.02 25.35
CA LYS A 90 -20.32 6.92 25.35
C LYS A 90 -19.10 6.27 24.72
N VAL A 91 -18.59 6.87 23.65
CA VAL A 91 -17.41 6.34 22.98
C VAL A 91 -16.24 7.20 23.45
N LEU A 92 -15.40 6.59 24.30
CA LEU A 92 -14.23 7.24 24.86
C LEU A 92 -13.00 6.85 24.05
N ALA A 93 -12.58 7.72 23.13
CA ALA A 93 -11.43 7.46 22.28
C ALA A 93 -10.19 7.64 23.12
N LEU A 94 -9.24 6.72 22.95
CA LEU A 94 -8.03 6.77 23.74
C LEU A 94 -6.80 7.14 22.93
N LYS A 95 -5.94 7.93 23.56
CA LYS A 95 -4.69 8.38 22.98
C LYS A 95 -3.60 7.31 23.11
N VAL A 96 -3.82 6.29 23.95
CA VAL A 96 -2.82 5.23 24.14
C VAL A 96 -3.50 3.87 24.32
N ASP A 97 -2.74 2.80 24.15
CA ASP A 97 -3.29 1.47 24.33
C ASP A 97 -2.60 0.70 25.46
N ASN A 98 -1.93 1.43 26.36
CA ASN A 98 -1.28 0.80 27.52
C ASN A 98 -2.25 0.89 28.70
N ALA A 99 -2.87 -0.24 29.06
CA ALA A 99 -3.83 -0.28 30.16
C ALA A 99 -3.29 0.30 31.46
N GLU A 100 -2.07 -0.07 31.83
CA GLU A 100 -1.46 0.43 33.06
C GLU A 100 -1.41 1.95 33.07
N THR A 101 -0.96 2.54 31.98
CA THR A 101 -0.85 3.99 31.86
C THR A 101 -2.23 4.64 31.88
N ILE A 102 -3.21 3.96 31.28
CA ILE A 102 -4.57 4.45 31.22
C ILE A 102 -5.21 4.51 32.62
N LYS A 103 -5.02 3.43 33.39
CA LYS A 103 -5.57 3.33 34.73
C LYS A 103 -4.98 4.38 35.68
N LYS A 104 -3.67 4.59 35.58
CA LYS A 104 -3.00 5.59 36.40
C LYS A 104 -3.62 6.97 36.14
N GLU A 105 -3.54 7.41 34.88
CA GLU A 105 -4.09 8.70 34.47
C GLU A 105 -5.59 8.86 34.65
N LEU A 106 -6.31 7.74 34.62
CA LEU A 106 -7.76 7.73 34.83
C LEU A 106 -8.08 7.37 36.29
N GLY A 107 -7.03 7.19 37.10
CA GLY A 107 -7.21 6.84 38.51
C GLY A 107 -8.14 5.67 38.70
N LEU A 108 -7.67 4.47 38.43
CA LEU A 108 -8.49 3.29 38.58
C LEU A 108 -7.74 2.25 39.38
N SER A 109 -8.40 1.12 39.60
CA SER A 109 -7.80 0.00 40.32
C SER A 109 -6.69 -0.55 39.43
N LEU A 110 -5.44 -0.37 39.85
CA LEU A 110 -4.30 -0.86 39.06
C LEU A 110 -4.17 -2.37 39.23
N THR A 111 -4.98 -2.93 40.13
CA THR A 111 -4.97 -4.35 40.45
C THR A 111 -6.10 -5.20 39.85
N GLU A 112 -6.80 -4.64 38.86
CA GLU A 112 -7.91 -5.34 38.18
C GLU A 112 -7.86 -5.04 36.67
N PRO A 113 -8.40 -5.93 35.83
CA PRO A 113 -8.40 -5.69 34.37
C PRO A 113 -9.10 -4.40 33.96
N LEU A 114 -8.63 -3.78 32.89
CA LEU A 114 -9.19 -2.52 32.38
C LEU A 114 -10.62 -2.60 31.85
N MET A 115 -10.87 -3.50 30.91
CA MET A 115 -12.21 -3.61 30.34
C MET A 115 -13.29 -3.93 31.36
N GLU A 116 -12.92 -4.56 32.48
CA GLU A 116 -13.91 -4.87 33.51
C GLU A 116 -14.25 -3.63 34.32
N GLN A 117 -13.31 -2.70 34.44
CA GLN A 117 -13.57 -1.47 35.17
C GLN A 117 -14.44 -0.54 34.30
N VAL A 118 -14.30 -0.70 32.99
CA VAL A 118 -15.03 0.06 31.98
C VAL A 118 -16.52 -0.33 31.97
N GLY A 119 -16.79 -1.47 32.62
CA GLY A 119 -18.15 -1.99 32.69
C GLY A 119 -18.83 -1.70 34.01
N THR A 120 -18.06 -1.26 34.99
CA THR A 120 -18.64 -0.96 36.28
C THR A 120 -19.40 0.36 36.23
N GLU A 121 -20.42 0.49 37.06
CA GLU A 121 -21.22 1.72 37.09
C GLU A 121 -20.37 2.91 37.52
N GLU A 122 -19.35 2.67 38.32
CA GLU A 122 -18.48 3.73 38.79
C GLU A 122 -17.83 4.41 37.60
N PHE A 123 -17.32 3.61 36.67
CA PHE A 123 -16.67 4.11 35.48
C PHE A 123 -17.70 4.69 34.50
N ILE A 124 -18.87 4.06 34.41
CA ILE A 124 -19.93 4.52 33.51
C ILE A 124 -20.53 5.84 34.00
N LYS A 125 -20.37 6.12 35.28
CA LYS A 125 -20.88 7.34 35.90
C LYS A 125 -19.89 8.49 35.65
N ARG A 126 -18.65 8.25 36.04
CA ARG A 126 -17.58 9.24 35.90
C ARG A 126 -17.25 9.65 34.46
N PHE A 127 -16.94 8.66 33.64
CA PHE A 127 -16.55 8.91 32.26
C PHE A 127 -17.68 8.75 31.28
N GLY A 128 -18.83 8.30 31.77
CA GLY A 128 -19.96 8.07 30.90
C GLY A 128 -20.70 9.28 30.35
N ASP A 129 -20.54 10.45 30.98
CA ASP A 129 -21.23 11.66 30.53
C ASP A 129 -22.73 11.43 30.24
N GLY A 130 -23.34 10.51 30.99
CA GLY A 130 -24.76 10.22 30.81
C GLY A 130 -25.17 8.85 30.28
N ALA A 131 -24.40 8.30 29.33
CA ALA A 131 -24.72 7.01 28.72
C ALA A 131 -24.91 5.82 29.69
N SER A 132 -25.55 4.76 29.19
CA SER A 132 -25.80 3.53 29.94
C SER A 132 -24.52 2.71 30.08
N ARG A 133 -23.66 2.76 29.07
CA ARG A 133 -22.40 2.04 29.04
C ARG A 133 -21.37 2.84 28.26
N VAL A 134 -20.11 2.41 28.34
CA VAL A 134 -19.00 3.05 27.63
C VAL A 134 -18.33 2.02 26.70
N VAL A 135 -17.83 2.51 25.58
CA VAL A 135 -17.12 1.65 24.63
C VAL A 135 -15.79 2.34 24.37
N LEU A 136 -14.70 1.59 24.47
CA LEU A 136 -13.40 2.18 24.22
C LEU A 136 -13.17 2.23 22.72
N SER A 137 -12.51 3.31 22.28
CA SER A 137 -12.20 3.53 20.87
C SER A 137 -10.75 3.89 20.69
N LEU A 138 -10.06 3.08 19.89
CA LEU A 138 -8.66 3.29 19.61
C LEU A 138 -8.50 3.22 18.10
N PRO A 139 -7.51 3.94 17.54
CA PRO A 139 -7.32 3.89 16.09
C PRO A 139 -7.09 2.44 15.65
N PHE A 140 -7.93 2.00 14.70
CA PHE A 140 -7.89 0.64 14.16
C PHE A 140 -6.47 0.18 14.00
N ALA A 141 -5.71 0.94 13.23
CA ALA A 141 -4.32 0.61 12.97
C ALA A 141 -3.60 1.82 12.47
N GLU A 142 -2.30 1.64 12.26
CA GLU A 142 -1.45 2.69 11.72
C GLU A 142 -1.74 2.70 10.23
N GLY A 143 -2.10 3.85 9.67
CA GLY A 143 -2.37 3.93 8.25
C GLY A 143 -3.84 3.79 7.88
N SER A 144 -4.71 3.93 8.89
CA SER A 144 -6.13 3.82 8.66
C SER A 144 -6.90 4.92 9.38
N SER A 145 -8.12 5.14 8.90
CA SER A 145 -9.04 6.13 9.43
C SER A 145 -10.12 5.43 10.29
N SER A 146 -10.19 4.12 10.15
CA SER A 146 -11.16 3.33 10.88
C SER A 146 -10.74 3.22 12.33
N VAL A 147 -11.70 2.94 13.21
CA VAL A 147 -11.37 2.79 14.61
C VAL A 147 -11.80 1.44 15.13
N GLU A 148 -11.23 1.05 16.25
CA GLU A 148 -11.55 -0.21 16.84
C GLU A 148 -12.35 0.06 18.12
N TYR A 149 -13.51 -0.58 18.19
CA TYR A 149 -14.40 -0.47 19.32
C TYR A 149 -14.23 -1.66 20.23
N ILE A 150 -13.89 -1.39 21.49
CA ILE A 150 -13.72 -2.45 22.47
C ILE A 150 -14.89 -2.37 23.46
N ASN A 151 -15.77 -3.35 23.37
CA ASN A 151 -16.95 -3.40 24.23
C ASN A 151 -16.73 -4.26 25.46
N ASN A 152 -17.33 -3.87 26.56
CA ASN A 152 -17.24 -4.64 27.80
C ASN A 152 -18.14 -5.87 27.58
N TRP A 153 -17.70 -7.04 28.02
CA TRP A 153 -18.46 -8.27 27.79
C TRP A 153 -19.85 -8.26 28.36
N GLU A 154 -19.99 -7.67 29.54
CA GLU A 154 -21.28 -7.59 30.19
C GLU A 154 -22.20 -6.61 29.44
N GLN A 155 -21.76 -5.36 29.30
CA GLN A 155 -22.53 -4.33 28.60
C GLN A 155 -22.95 -4.77 27.19
N ALA A 156 -22.15 -5.62 26.57
CA ALA A 156 -22.40 -6.09 25.22
C ALA A 156 -23.52 -7.10 25.01
N LYS A 157 -24.16 -7.57 26.07
CA LYS A 157 -25.27 -8.51 25.89
C LYS A 157 -26.47 -7.65 25.49
N ALA A 158 -26.38 -6.37 25.87
CA ALA A 158 -27.41 -5.37 25.58
C ALA A 158 -27.46 -5.00 24.09
N LEU A 159 -26.49 -5.47 23.33
CA LEU A 159 -26.42 -5.19 21.89
C LEU A 159 -27.51 -5.90 21.08
N SER A 160 -27.91 -5.27 19.98
CA SER A 160 -28.92 -5.80 19.06
C SER A 160 -28.20 -6.14 17.76
N VAL A 161 -28.08 -7.43 17.52
CA VAL A 161 -27.39 -7.97 16.36
C VAL A 161 -28.29 -8.13 15.14
N GLU A 162 -27.91 -7.49 14.05
CA GLU A 162 -28.63 -7.58 12.79
C GLU A 162 -27.59 -7.93 11.74
N LEU A 163 -27.93 -8.82 10.83
CA LEU A 163 -27.00 -9.24 9.78
C LEU A 163 -26.78 -8.21 8.68
N GLU A 164 -25.55 -8.05 8.22
CA GLU A 164 -25.27 -7.12 7.14
C GLU A 164 -24.97 -7.84 5.86
N ILE A 165 -24.12 -8.86 5.95
CA ILE A 165 -23.73 -9.64 4.78
C ILE A 165 -23.30 -11.02 5.25
N ASN A 166 -23.54 -12.01 4.39
CA ASN A 166 -23.18 -13.39 4.70
C ASN A 166 -22.48 -13.96 3.46
N PHE A 167 -21.16 -14.08 3.53
CA PHE A 167 -20.35 -14.58 2.42
C PHE A 167 -20.60 -16.06 2.14
N GLU A 168 -20.64 -16.83 3.21
CA GLU A 168 -20.87 -18.27 3.15
C GLU A 168 -22.19 -18.55 2.40
N THR A 169 -23.14 -17.64 2.53
CA THR A 169 -24.45 -17.73 1.89
C THR A 169 -24.35 -17.59 0.37
N ARG A 170 -23.29 -16.94 -0.10
CA ARG A 170 -23.08 -16.74 -1.54
C ARG A 170 -22.40 -17.97 -2.15
N GLY A 171 -22.01 -18.92 -1.30
CA GLY A 171 -21.37 -20.16 -1.70
C GLY A 171 -20.32 -20.06 -2.79
N LYS A 172 -19.73 -18.87 -2.93
CA LYS A 172 -18.70 -18.60 -3.95
C LYS A 172 -17.33 -19.18 -3.60
N ARG A 173 -16.62 -19.64 -4.63
CA ARG A 173 -15.28 -20.22 -4.51
C ARG A 173 -14.34 -19.41 -3.61
N GLY A 174 -13.46 -20.11 -2.89
CA GLY A 174 -12.52 -19.45 -2.01
C GLY A 174 -13.14 -18.39 -1.10
N GLN A 175 -12.66 -17.16 -1.27
CA GLN A 175 -13.12 -16.02 -0.50
C GLN A 175 -13.63 -14.92 -1.44
N ASP A 176 -14.03 -15.31 -2.66
CA ASP A 176 -14.53 -14.38 -3.67
C ASP A 176 -15.61 -13.44 -3.12
N ALA A 177 -16.61 -14.01 -2.45
CA ALA A 177 -17.70 -13.22 -1.91
C ALA A 177 -17.17 -12.09 -1.06
N MET A 178 -16.25 -12.43 -0.16
CA MET A 178 -15.64 -11.48 0.77
C MET A 178 -14.91 -10.32 0.09
N TYR A 179 -14.07 -10.64 -0.88
CA TYR A 179 -13.32 -9.60 -1.55
C TYR A 179 -14.18 -8.77 -2.50
N GLU A 180 -15.24 -9.37 -3.04
CA GLU A 180 -16.18 -8.67 -3.93
C GLU A 180 -16.81 -7.55 -3.08
N TYR A 181 -17.11 -7.88 -1.83
CA TYR A 181 -17.71 -6.96 -0.87
C TYR A 181 -16.74 -5.80 -0.58
N MET A 182 -15.50 -6.13 -0.25
CA MET A 182 -14.51 -5.11 0.08
C MET A 182 -14.23 -4.16 -1.09
N ALA A 183 -14.33 -4.67 -2.32
CA ALA A 183 -14.08 -3.87 -3.51
C ALA A 183 -15.08 -2.72 -3.57
N GLN A 184 -16.23 -2.89 -2.93
CA GLN A 184 -17.27 -1.87 -2.92
C GLN A 184 -16.76 -0.60 -2.26
N ALA A 185 -15.87 -0.74 -1.30
CA ALA A 185 -15.30 0.40 -0.59
C ALA A 185 -14.87 1.56 -1.50
N CYS A 186 -14.29 1.23 -2.65
CA CYS A 186 -13.86 2.28 -3.59
C CYS A 186 -14.77 2.40 -4.80
N ALA A 187 -15.37 1.29 -5.22
CA ALA A 187 -16.23 1.26 -6.41
C ALA A 187 -17.64 1.82 -6.18
N GLY A 188 -17.73 3.02 -5.59
CA GLY A 188 -19.01 3.64 -5.31
C GLY A 188 -19.62 4.41 -6.46
N SER A 200 -7.06 4.49 -8.30
CA SER A 200 -7.49 3.17 -8.86
C SER A 200 -8.55 2.51 -7.98
N CYS A 201 -9.28 1.56 -8.56
CA CYS A 201 -10.28 0.78 -7.86
C CYS A 201 -10.58 -0.49 -8.64
N ILE A 202 -9.87 -1.55 -8.28
CA ILE A 202 -10.01 -2.86 -8.91
C ILE A 202 -11.24 -3.61 -8.40
N ASN A 203 -12.29 -3.65 -9.22
CA ASN A 203 -13.49 -4.37 -8.87
C ASN A 203 -13.64 -5.42 -9.95
N LEU A 204 -13.07 -6.60 -9.71
CA LEU A 204 -13.13 -7.70 -10.67
C LEU A 204 -14.18 -8.76 -10.32
N ASP A 205 -14.53 -9.57 -11.34
CA ASP A 205 -15.50 -10.64 -11.23
C ASP A 205 -14.68 -11.92 -11.32
N TRP A 206 -14.29 -12.46 -10.18
CA TRP A 206 -13.47 -13.66 -10.13
C TRP A 206 -14.10 -14.90 -10.74
N ASP A 207 -15.43 -14.97 -10.79
CA ASP A 207 -16.10 -16.09 -11.43
C ASP A 207 -15.65 -16.09 -12.89
N VAL A 208 -15.82 -14.93 -13.53
CA VAL A 208 -15.43 -14.72 -14.93
C VAL A 208 -13.96 -15.07 -15.09
N ILE A 209 -13.12 -14.56 -14.21
CA ILE A 209 -11.69 -14.83 -14.30
C ILE A 209 -11.39 -16.32 -14.19
N ARG A 210 -12.18 -17.04 -13.39
CA ARG A 210 -11.98 -18.47 -13.21
C ARG A 210 -12.36 -19.18 -14.51
N ASP A 211 -13.42 -18.70 -15.14
CA ASP A 211 -13.90 -19.26 -16.39
C ASP A 211 -12.87 -19.09 -17.48
N LYS A 212 -12.53 -17.84 -17.73
CA LYS A 212 -11.58 -17.49 -18.78
C LYS A 212 -10.25 -18.20 -18.61
N THR A 213 -9.75 -18.28 -17.38
CA THR A 213 -8.49 -18.95 -17.15
C THR A 213 -8.57 -20.42 -17.58
N LYS A 214 -9.61 -21.12 -17.14
CA LYS A 214 -9.80 -22.54 -17.47
C LYS A 214 -9.87 -22.76 -18.98
N THR A 215 -10.62 -21.90 -19.66
CA THR A 215 -10.79 -21.98 -21.09
C THR A 215 -9.45 -21.79 -21.80
N LYS A 216 -8.68 -20.81 -21.36
CA LYS A 216 -7.39 -20.50 -21.98
C LYS A 216 -6.32 -21.57 -21.75
N ILE A 217 -6.30 -22.16 -20.56
CA ILE A 217 -5.34 -23.20 -20.24
C ILE A 217 -5.53 -24.39 -21.19
N GLU A 218 -6.78 -24.76 -21.45
CA GLU A 218 -7.07 -25.87 -22.34
C GLU A 218 -6.76 -25.50 -23.79
N SER A 219 -6.97 -24.24 -24.15
CA SER A 219 -6.74 -23.76 -25.51
C SER A 219 -5.25 -23.72 -25.84
N LEU A 220 -4.47 -23.40 -24.82
CA LEU A 220 -3.04 -23.31 -24.98
C LEU A 220 -2.51 -24.72 -25.15
N LYS A 221 -2.98 -25.62 -24.30
CA LYS A 221 -2.58 -27.03 -24.33
C LYS A 221 -2.85 -27.70 -25.68
N GLU A 222 -3.94 -27.29 -26.35
CA GLU A 222 -4.33 -27.86 -27.64
C GLU A 222 -3.86 -27.02 -28.83
N HIS A 223 -2.82 -26.24 -28.61
CA HIS A 223 -2.30 -25.39 -29.65
C HIS A 223 -1.04 -26.01 -30.22
N GLY A 224 -0.98 -26.11 -31.54
CA GLY A 224 0.18 -26.70 -32.20
C GLY A 224 1.53 -26.29 -31.66
N PRO A 225 1.95 -25.03 -31.83
CA PRO A 225 3.24 -24.54 -31.35
C PRO A 225 3.56 -24.92 -29.89
N ILE A 226 2.56 -24.83 -29.01
CA ILE A 226 2.72 -25.14 -27.59
C ILE A 226 3.15 -26.60 -27.48
N LYS A 227 2.36 -27.48 -28.08
CA LYS A 227 2.66 -28.90 -28.09
C LYS A 227 4.05 -29.11 -28.70
N ASN A 228 4.30 -28.38 -29.79
CA ASN A 228 5.57 -28.39 -30.53
C ASN A 228 6.73 -28.05 -29.59
N LYS A 229 6.56 -27.02 -28.78
CA LYS A 229 7.61 -26.62 -27.87
C LYS A 229 7.66 -27.58 -26.69
N MET A 230 6.49 -28.08 -26.26
CA MET A 230 6.41 -29.00 -25.13
C MET A 230 7.31 -30.21 -25.38
N SER A 231 7.48 -30.55 -26.66
CA SER A 231 8.33 -31.69 -27.03
C SER A 231 9.83 -31.39 -26.91
N GLU A 232 10.23 -30.14 -27.16
CA GLU A 232 11.63 -29.72 -27.05
C GLU A 232 12.08 -29.74 -25.58
N SER A 233 11.15 -30.04 -24.69
CA SER A 233 11.42 -30.08 -23.26
C SER A 233 12.28 -31.28 -22.91
N PRO A 234 13.39 -31.06 -22.20
CA PRO A 234 14.25 -32.20 -21.82
C PRO A 234 13.53 -33.15 -20.86
N ASN A 235 12.40 -32.72 -20.33
CA ASN A 235 11.54 -33.50 -19.42
C ASN A 235 12.08 -34.16 -18.14
N LYS A 236 13.38 -34.06 -17.89
CA LYS A 236 13.94 -34.61 -16.66
C LYS A 236 14.68 -33.45 -16.00
N THR A 237 14.93 -33.57 -14.70
CA THR A 237 15.64 -32.54 -13.97
C THR A 237 16.86 -32.02 -14.73
N VAL A 238 17.00 -30.69 -14.75
CA VAL A 238 18.11 -29.99 -15.40
C VAL A 238 18.51 -28.80 -14.53
N SER A 239 19.62 -28.16 -14.86
CA SER A 239 20.06 -27.01 -14.09
C SER A 239 19.03 -25.91 -14.28
N GLU A 240 18.83 -25.10 -13.25
CA GLU A 240 17.84 -24.02 -13.35
C GLU A 240 18.23 -22.97 -14.37
N GLU A 241 19.52 -22.89 -14.69
CA GLU A 241 19.99 -21.93 -15.68
C GLU A 241 19.43 -22.32 -17.03
N LYS A 242 19.53 -23.61 -17.35
CA LYS A 242 19.03 -24.13 -18.64
C LYS A 242 17.51 -24.25 -18.63
N ALA A 243 16.93 -24.42 -17.44
CA ALA A 243 15.50 -24.52 -17.32
C ALA A 243 14.86 -23.19 -17.72
N LYS A 244 15.33 -22.10 -17.13
CA LYS A 244 14.81 -20.77 -17.44
C LYS A 244 14.77 -20.56 -18.94
N GLN A 245 15.90 -20.83 -19.60
CA GLN A 245 16.00 -20.67 -21.04
C GLN A 245 14.93 -21.39 -21.84
N TYR A 246 14.50 -22.54 -21.34
CA TYR A 246 13.44 -23.28 -22.01
C TYR A 246 12.12 -22.54 -21.79
N LEU A 247 11.83 -22.26 -20.52
CA LEU A 247 10.62 -21.58 -20.13
C LEU A 247 10.48 -20.21 -20.79
N GLU A 248 11.59 -19.52 -20.99
CA GLU A 248 11.57 -18.20 -21.63
C GLU A 248 11.17 -18.32 -23.08
N GLU A 249 11.62 -19.42 -23.70
CA GLU A 249 11.34 -19.69 -25.11
C GLU A 249 9.91 -20.13 -25.26
N PHE A 250 9.50 -20.95 -24.29
CA PHE A 250 8.15 -21.46 -24.20
C PHE A 250 7.24 -20.26 -24.02
N HIS A 251 7.73 -19.33 -23.21
CA HIS A 251 7.00 -18.12 -22.93
C HIS A 251 6.76 -17.39 -24.24
N GLN A 252 7.84 -16.95 -24.91
CA GLN A 252 7.68 -16.20 -26.16
C GLN A 252 6.70 -16.85 -27.10
N THR A 253 6.78 -18.18 -27.18
CA THR A 253 5.91 -18.97 -28.03
C THR A 253 4.47 -18.90 -27.55
N ALA A 254 4.26 -19.23 -26.28
CA ALA A 254 2.94 -19.23 -25.68
C ALA A 254 2.25 -17.89 -25.81
N LEU A 255 3.01 -16.83 -25.62
CA LEU A 255 2.46 -15.49 -25.70
C LEU A 255 1.97 -15.14 -27.12
N GLU A 256 2.40 -15.90 -28.13
CA GLU A 256 1.94 -15.66 -29.51
C GLU A 256 0.47 -16.03 -29.73
N HIS A 257 -0.03 -16.99 -28.94
CA HIS A 257 -1.42 -17.47 -29.02
C HIS A 257 -2.47 -16.34 -28.99
N PRO A 258 -3.39 -16.34 -29.97
CA PRO A 258 -4.46 -15.34 -30.09
C PRO A 258 -5.26 -15.03 -28.82
N GLU A 259 -5.51 -16.04 -28.01
CA GLU A 259 -6.24 -15.88 -26.76
C GLU A 259 -5.54 -14.91 -25.83
N LEU A 260 -4.21 -14.91 -25.88
CA LEU A 260 -3.38 -14.04 -25.05
C LEU A 260 -2.90 -12.77 -25.77
N SER A 261 -3.62 -12.36 -26.80
CA SER A 261 -3.27 -11.18 -27.59
C SER A 261 -3.03 -9.94 -26.73
N GLU A 262 -4.01 -9.64 -25.86
CA GLU A 262 -3.95 -8.48 -24.98
C GLU A 262 -2.83 -8.52 -23.95
N LEU A 263 -2.40 -9.71 -23.56
CA LEU A 263 -1.31 -9.81 -22.61
C LEU A 263 -0.01 -9.47 -23.36
N LYS A 264 0.15 -9.99 -24.57
CA LYS A 264 1.33 -9.75 -25.38
C LYS A 264 1.60 -8.26 -25.57
N THR A 265 0.51 -7.49 -25.59
CA THR A 265 0.56 -6.06 -25.78
C THR A 265 0.92 -5.27 -24.52
N VAL A 266 0.18 -5.50 -23.44
CA VAL A 266 0.44 -4.80 -22.17
C VAL A 266 1.73 -5.26 -21.48
N THR A 267 2.34 -6.30 -22.01
CA THR A 267 3.56 -6.91 -21.48
C THR A 267 4.88 -6.50 -22.15
N GLY A 268 4.82 -6.14 -23.43
CA GLY A 268 6.04 -5.82 -24.18
C GLY A 268 6.87 -4.63 -23.76
N THR A 269 6.27 -3.71 -23.02
CA THR A 269 6.97 -2.51 -22.58
C THR A 269 7.64 -2.64 -21.21
N ASN A 270 6.86 -2.87 -20.16
CA ASN A 270 7.43 -2.97 -18.83
C ASN A 270 8.30 -4.22 -18.61
N PRO A 271 9.53 -4.01 -18.13
CA PRO A 271 10.52 -5.05 -17.84
C PRO A 271 10.02 -6.07 -16.82
N VAL A 272 9.27 -5.59 -15.83
CA VAL A 272 8.70 -6.46 -14.78
C VAL A 272 7.89 -7.60 -15.39
N PHE A 273 7.18 -7.31 -16.47
CA PHE A 273 6.34 -8.28 -17.13
C PHE A 273 7.04 -9.10 -18.21
N ALA A 274 8.38 -9.04 -18.26
CA ALA A 274 9.11 -9.79 -19.28
C ALA A 274 9.01 -11.30 -19.09
N GLY A 275 9.28 -12.02 -20.19
CA GLY A 275 9.22 -13.47 -20.20
C GLY A 275 10.24 -14.08 -19.26
N ALA A 276 11.35 -13.37 -19.04
CA ALA A 276 12.38 -13.86 -18.14
C ALA A 276 11.80 -13.89 -16.73
N ASN A 277 10.92 -12.92 -16.45
CA ASN A 277 10.28 -12.81 -15.15
C ASN A 277 9.27 -13.91 -14.88
N TYR A 278 8.48 -14.25 -15.89
CA TYR A 278 7.51 -15.35 -15.77
C TYR A 278 8.31 -16.65 -15.64
N ALA A 279 9.43 -16.70 -16.35
CA ALA A 279 10.31 -17.86 -16.33
C ALA A 279 10.91 -18.11 -14.96
N ALA A 280 11.48 -17.07 -14.35
CA ALA A 280 12.07 -17.23 -13.04
C ALA A 280 11.00 -17.51 -11.99
N TRP A 281 9.79 -17.02 -12.24
CA TRP A 281 8.69 -17.25 -11.31
C TRP A 281 8.31 -18.73 -11.36
N ALA A 282 8.10 -19.22 -12.59
CA ALA A 282 7.73 -20.62 -12.83
C ALA A 282 8.68 -21.56 -12.11
N VAL A 283 9.98 -21.25 -12.23
CA VAL A 283 11.03 -22.03 -11.59
C VAL A 283 10.99 -21.94 -10.06
N ASN A 284 10.68 -20.76 -9.54
CA ASN A 284 10.60 -20.59 -8.10
C ASN A 284 9.53 -21.51 -7.56
N VAL A 285 8.36 -21.44 -8.18
CA VAL A 285 7.22 -22.28 -7.80
C VAL A 285 7.59 -23.76 -7.83
N ALA A 286 8.20 -24.20 -8.92
CA ALA A 286 8.60 -25.59 -9.08
C ALA A 286 9.51 -26.04 -7.96
N GLN A 287 10.39 -25.15 -7.53
CA GLN A 287 11.34 -25.45 -6.48
C GLN A 287 10.78 -25.56 -5.07
N VAL A 288 9.65 -24.93 -4.80
CA VAL A 288 9.12 -24.98 -3.45
C VAL A 288 7.91 -25.90 -3.25
N ILE A 289 7.23 -26.26 -4.32
CA ILE A 289 6.10 -27.15 -4.18
C ILE A 289 6.54 -28.60 -4.29
N ASP A 290 6.00 -29.42 -3.42
CA ASP A 290 6.29 -30.85 -3.41
C ASP A 290 4.96 -31.58 -3.23
N SER A 291 4.96 -32.91 -3.37
CA SER A 291 3.74 -33.69 -3.26
C SER A 291 2.85 -33.34 -2.06
N GLU A 292 3.45 -33.17 -0.88
CA GLU A 292 2.70 -32.84 0.32
C GLU A 292 2.00 -31.50 0.09
N THR A 293 2.81 -30.47 -0.13
CA THR A 293 2.37 -29.10 -0.36
C THR A 293 1.35 -28.98 -1.48
N ALA A 294 1.65 -29.58 -2.63
CA ALA A 294 0.80 -29.53 -3.81
C ALA A 294 -0.61 -30.08 -3.61
N ASP A 295 -0.78 -30.87 -2.55
CA ASP A 295 -2.06 -31.47 -2.22
C ASP A 295 -2.95 -30.57 -1.36
N ASN A 296 -2.33 -29.71 -0.54
CA ASN A 296 -3.06 -28.85 0.36
C ASN A 296 -3.15 -27.38 -0.07
N LEU A 297 -4.36 -26.83 -0.05
CA LEU A 297 -4.55 -25.45 -0.46
C LEU A 297 -3.88 -24.47 0.50
N GLU A 298 -4.02 -24.70 1.81
CA GLU A 298 -3.40 -23.83 2.80
C GLU A 298 -1.89 -23.90 2.63
N LYS A 299 -1.35 -25.12 2.64
CA LYS A 299 0.10 -25.32 2.50
C LYS A 299 0.66 -24.71 1.24
N THR A 300 -0.07 -24.82 0.12
CA THR A 300 0.39 -24.26 -1.17
C THR A 300 0.47 -22.74 -1.12
N THR A 301 -0.70 -22.11 -0.97
CA THR A 301 -0.80 -20.66 -0.88
C THR A 301 0.29 -20.16 0.08
N ALA A 302 0.57 -20.94 1.11
CA ALA A 302 1.59 -20.59 2.10
C ALA A 302 2.96 -20.46 1.47
N ALA A 303 3.35 -21.45 0.67
CA ALA A 303 4.65 -21.46 0.04
C ALA A 303 4.77 -20.38 -0.99
N LEU A 304 3.74 -20.26 -1.81
CA LEU A 304 3.71 -19.28 -2.87
C LEU A 304 3.86 -17.85 -2.39
N SER A 305 3.20 -17.54 -1.28
CA SER A 305 3.18 -16.20 -0.73
C SER A 305 4.51 -15.63 -0.25
N ILE A 306 5.54 -16.46 -0.08
CA ILE A 306 6.84 -15.95 0.34
C ILE A 306 7.86 -15.94 -0.80
N LEU A 307 7.35 -15.99 -2.02
CA LEU A 307 8.20 -15.99 -3.21
C LEU A 307 8.17 -14.61 -3.88
N PRO A 308 9.30 -14.15 -4.41
CA PRO A 308 9.34 -12.84 -5.07
C PRO A 308 8.91 -12.98 -6.53
N GLY A 309 8.85 -11.86 -7.25
CA GLY A 309 8.49 -11.90 -8.66
C GLY A 309 7.03 -12.08 -9.04
N ILE A 310 6.14 -12.06 -8.06
CA ILE A 310 4.73 -12.24 -8.30
C ILE A 310 4.12 -11.07 -9.03
N GLY A 311 4.61 -9.86 -8.76
CA GLY A 311 4.08 -8.69 -9.44
C GLY A 311 4.15 -8.88 -10.95
N SER A 312 5.05 -9.76 -11.39
CA SER A 312 5.25 -10.05 -12.80
C SER A 312 4.03 -10.71 -13.39
N VAL A 313 3.45 -11.68 -12.69
CA VAL A 313 2.26 -12.35 -13.21
C VAL A 313 1.00 -11.58 -12.85
N MET A 314 1.07 -10.78 -11.80
CA MET A 314 -0.07 -9.97 -11.38
C MET A 314 -0.19 -8.68 -12.21
N GLY A 315 0.92 -8.27 -12.84
CA GLY A 315 0.93 -7.07 -13.64
C GLY A 315 0.89 -5.86 -12.73
N ILE A 316 1.64 -5.94 -11.64
CA ILE A 316 1.68 -4.86 -10.67
C ILE A 316 3.11 -4.33 -10.60
N ALA A 317 3.21 -3.01 -10.79
CA ALA A 317 4.48 -2.32 -10.79
C ALA A 317 4.25 -0.83 -10.91
N ASP A 318 5.16 -0.07 -10.30
CA ASP A 318 5.15 1.39 -10.31
C ASP A 318 4.01 2.05 -9.52
N GLY A 319 3.41 1.29 -8.60
CA GLY A 319 2.32 1.82 -7.80
C GLY A 319 0.97 1.57 -8.42
N ALA A 320 0.95 0.73 -9.46
CA ALA A 320 -0.28 0.45 -10.16
C ALA A 320 -0.51 -1.01 -10.53
N VAL A 321 -1.78 -1.36 -10.54
CA VAL A 321 -2.22 -2.69 -10.93
C VAL A 321 -2.54 -2.50 -12.41
N HIS A 322 -1.65 -2.97 -13.27
CA HIS A 322 -1.84 -2.82 -14.71
C HIS A 322 -2.80 -3.84 -15.30
N HIS A 323 -2.87 -5.02 -14.69
CA HIS A 323 -3.80 -6.04 -15.16
C HIS A 323 -5.11 -5.77 -14.44
N ASN A 324 -5.80 -4.76 -14.94
CA ASN A 324 -7.06 -4.25 -14.43
C ASN A 324 -8.33 -4.90 -15.00
N THR A 325 -8.20 -5.85 -15.91
CA THR A 325 -9.40 -6.49 -16.47
C THR A 325 -9.48 -8.00 -16.29
N GLU A 326 -10.71 -8.52 -16.28
CA GLU A 326 -10.94 -9.96 -16.12
C GLU A 326 -10.20 -10.70 -17.22
N GLU A 327 -10.24 -10.11 -18.40
CA GLU A 327 -9.61 -10.69 -19.56
C GLU A 327 -8.10 -10.82 -19.41
N ILE A 328 -7.41 -9.73 -19.07
CA ILE A 328 -5.96 -9.80 -18.93
C ILE A 328 -5.53 -10.62 -17.71
N VAL A 329 -6.25 -10.47 -16.61
CA VAL A 329 -5.94 -11.23 -15.41
C VAL A 329 -5.98 -12.72 -15.74
N ALA A 330 -7.03 -13.12 -16.43
CA ALA A 330 -7.22 -14.52 -16.80
C ALA A 330 -6.07 -15.00 -17.66
N GLN A 331 -5.67 -14.19 -18.63
CA GLN A 331 -4.58 -14.52 -19.54
C GLN A 331 -3.25 -14.69 -18.84
N SER A 332 -3.00 -13.85 -17.84
CA SER A 332 -1.76 -13.92 -17.09
C SER A 332 -1.69 -15.19 -16.26
N ILE A 333 -2.76 -15.47 -15.54
CA ILE A 333 -2.82 -16.67 -14.71
C ILE A 333 -2.70 -17.95 -15.56
N ALA A 334 -3.39 -17.95 -16.70
CA ALA A 334 -3.37 -19.07 -17.61
C ALA A 334 -1.96 -19.38 -18.09
N LEU A 335 -1.24 -18.32 -18.46
CA LEU A 335 0.12 -18.45 -18.97
C LEU A 335 1.05 -18.92 -17.87
N SER A 336 0.85 -18.37 -16.68
CA SER A 336 1.64 -18.70 -15.50
C SER A 336 1.47 -20.18 -15.11
N SER A 337 0.26 -20.67 -15.32
CA SER A 337 -0.09 -22.05 -15.00
C SER A 337 0.52 -23.02 -16.01
N LEU A 338 0.56 -22.63 -17.28
CA LEU A 338 1.14 -23.48 -18.30
C LEU A 338 2.63 -23.56 -18.13
N MET A 339 3.20 -22.45 -17.68
CA MET A 339 4.63 -22.37 -17.47
C MET A 339 5.04 -23.19 -16.26
N VAL A 340 4.26 -23.07 -15.19
CA VAL A 340 4.54 -23.80 -13.96
C VAL A 340 4.53 -25.32 -14.25
N ALA A 341 3.64 -25.74 -15.14
CA ALA A 341 3.52 -27.14 -15.54
C ALA A 341 4.77 -27.63 -16.29
N GLN A 342 5.42 -26.75 -17.04
CA GLN A 342 6.63 -27.10 -17.78
C GLN A 342 7.82 -27.11 -16.81
N ALA A 343 7.74 -26.25 -15.80
CA ALA A 343 8.79 -26.09 -14.82
C ALA A 343 8.93 -27.27 -13.86
N ILE A 344 7.79 -27.81 -13.44
CA ILE A 344 7.80 -28.90 -12.48
C ILE A 344 8.73 -30.09 -12.73
N PRO A 345 8.76 -30.65 -13.96
CA PRO A 345 9.65 -31.79 -14.19
C PRO A 345 11.14 -31.43 -14.22
N LEU A 346 11.43 -30.17 -14.58
CA LEU A 346 12.79 -29.67 -14.67
C LEU A 346 13.52 -29.37 -13.37
N VAL A 347 12.79 -29.28 -12.24
CA VAL A 347 13.38 -29.02 -10.91
C VAL A 347 12.45 -29.35 -9.74
N GLY A 348 11.24 -29.82 -10.05
CA GLY A 348 10.29 -30.16 -9.01
C GLY A 348 10.53 -31.57 -8.49
N GLU A 349 9.49 -32.18 -7.94
CA GLU A 349 9.57 -33.54 -7.42
C GLU A 349 8.18 -34.06 -7.01
N LEU A 350 7.23 -34.04 -7.95
CA LEU A 350 5.87 -34.48 -7.63
C LEU A 350 5.07 -35.02 -8.81
N VAL A 351 3.74 -35.01 -8.66
CA VAL A 351 2.81 -35.46 -9.69
C VAL A 351 2.71 -34.38 -10.77
N ASP A 352 3.85 -34.19 -11.43
CA ASP A 352 4.10 -33.24 -12.53
C ASP A 352 3.18 -32.08 -12.96
N ILE A 353 1.86 -32.31 -13.08
CA ILE A 353 0.97 -31.23 -13.56
C ILE A 353 -0.33 -30.95 -12.83
N GLY A 354 -1.02 -32.00 -12.36
CA GLY A 354 -2.30 -31.83 -11.67
C GLY A 354 -2.42 -30.57 -10.83
N PHE A 355 -1.31 -30.18 -10.23
CA PHE A 355 -1.20 -29.01 -9.37
C PHE A 355 -1.41 -27.69 -10.12
N ALA A 356 -0.62 -27.48 -11.18
CA ALA A 356 -0.66 -26.27 -12.00
C ALA A 356 -2.03 -25.75 -12.42
N ALA A 357 -2.93 -26.62 -12.86
CA ALA A 357 -4.25 -26.18 -13.29
C ALA A 357 -5.22 -26.19 -12.12
N TYR A 358 -4.85 -26.91 -11.07
CA TYR A 358 -5.67 -27.08 -9.88
C TYR A 358 -5.33 -26.11 -8.73
N ASN A 359 -4.51 -26.57 -7.81
CA ASN A 359 -4.15 -25.78 -6.63
C ASN A 359 -3.41 -24.49 -6.90
N PHE A 360 -2.46 -24.52 -7.82
CA PHE A 360 -1.70 -23.32 -8.13
C PHE A 360 -2.62 -22.17 -8.51
N VAL A 361 -3.56 -22.43 -9.42
CA VAL A 361 -4.50 -21.41 -9.85
C VAL A 361 -5.30 -20.87 -8.67
N GLU A 362 -5.75 -21.77 -7.79
CA GLU A 362 -6.52 -21.36 -6.63
C GLU A 362 -5.73 -20.48 -5.69
N SER A 363 -4.50 -20.88 -5.36
CA SER A 363 -3.68 -20.09 -4.44
C SER A 363 -3.36 -18.73 -5.03
N ILE A 364 -2.81 -18.75 -6.25
CA ILE A 364 -2.43 -17.51 -6.95
C ILE A 364 -3.61 -16.55 -7.05
N ILE A 365 -4.81 -17.08 -7.33
CA ILE A 365 -6.02 -16.25 -7.41
C ILE A 365 -6.21 -15.59 -6.04
N ASN A 366 -5.94 -16.33 -4.97
CA ASN A 366 -6.10 -15.78 -3.64
C ASN A 366 -5.13 -14.66 -3.35
N LEU A 367 -3.88 -14.83 -3.75
CA LEU A 367 -2.84 -13.83 -3.54
C LEU A 367 -3.16 -12.54 -4.33
N PHE A 368 -3.68 -12.70 -5.55
CA PHE A 368 -4.05 -11.57 -6.39
C PHE A 368 -5.06 -10.73 -5.61
N GLN A 369 -6.03 -11.43 -5.02
CA GLN A 369 -7.10 -10.81 -4.25
C GLN A 369 -6.59 -10.04 -3.05
N VAL A 370 -5.54 -10.55 -2.40
CA VAL A 370 -4.95 -9.88 -1.24
C VAL A 370 -4.28 -8.61 -1.70
N VAL A 371 -3.42 -8.72 -2.70
CA VAL A 371 -2.75 -7.52 -3.19
C VAL A 371 -3.71 -6.49 -3.79
N HIS A 372 -4.70 -6.93 -4.56
CA HIS A 372 -5.66 -5.98 -5.15
C HIS A 372 -6.34 -5.22 -4.02
N ASN A 373 -6.61 -5.92 -2.93
CA ASN A 373 -7.26 -5.31 -1.78
C ASN A 373 -6.38 -4.22 -1.19
N SER A 374 -5.07 -4.43 -1.20
CA SER A 374 -4.15 -3.43 -0.69
C SER A 374 -4.20 -2.13 -1.52
N TYR A 375 -4.22 -2.26 -2.85
CA TYR A 375 -4.26 -1.09 -3.71
C TYR A 375 -5.60 -0.34 -3.70
N ASN A 376 -6.68 -1.02 -3.32
CA ASN A 376 -8.00 -0.40 -3.24
C ASN A 376 -8.14 0.41 -1.95
N ARG A 377 -7.30 0.09 -0.98
CA ARG A 377 -7.32 0.78 0.28
C ARG A 377 -6.58 2.09 0.18
N PRO A 378 -7.07 3.11 0.87
CA PRO A 378 -6.37 4.40 0.81
C PRO A 378 -4.96 4.26 1.37
N ALA A 379 -4.04 5.01 0.78
CA ALA A 379 -2.66 4.98 1.21
C ALA A 379 -1.92 6.18 0.69
N TYR A 380 -0.81 6.47 1.34
CA TYR A 380 0.06 7.58 0.99
C TYR A 380 1.07 7.02 0.06
N SER A 381 1.23 7.69 -1.08
CA SER A 381 2.19 7.30 -2.11
C SER A 381 3.61 7.68 -1.72
N PRO A 382 4.59 7.10 -2.43
CA PRO A 382 5.99 7.41 -2.15
C PRO A 382 6.14 8.92 -2.12
N GLY A 383 6.86 9.42 -1.12
CA GLY A 383 7.08 10.85 -1.03
C GLY A 383 6.04 11.66 -0.29
N HIS A 384 4.91 11.06 0.04
CA HIS A 384 3.87 11.75 0.79
C HIS A 384 4.01 11.45 2.29
N LYS A 385 3.61 12.41 3.13
CA LYS A 385 3.71 12.32 4.58
C LYS A 385 5.07 11.68 4.90
N THR A 386 5.13 10.64 5.72
CA THR A 386 6.41 10.04 6.03
C THR A 386 6.83 8.84 5.19
N GLN A 387 6.12 8.60 4.10
CA GLN A 387 6.43 7.49 3.20
C GLN A 387 7.67 7.82 2.38
N PRO A 388 8.66 6.91 2.39
CA PRO A 388 9.86 7.18 1.63
C PRO A 388 9.64 7.11 0.12
N PHE A 389 10.49 7.83 -0.61
CA PHE A 389 10.46 7.84 -2.07
C PHE A 389 11.76 7.15 -2.35
N LEU A 390 11.67 6.01 -3.01
CA LEU A 390 12.81 5.16 -3.32
C LEU A 390 13.04 5.16 -4.82
N HIS A 391 14.14 5.79 -5.24
CA HIS A 391 14.47 5.92 -6.65
C HIS A 391 15.99 5.96 -6.83
N ASP A 392 16.48 5.31 -7.89
CA ASP A 392 17.90 5.24 -8.27
C ASP A 392 18.93 4.93 -7.17
N GLY A 393 18.47 4.25 -6.13
CA GLY A 393 19.37 3.89 -5.05
C GLY A 393 19.21 4.76 -3.83
N TYR A 394 18.55 5.91 -4.00
CA TYR A 394 18.32 6.85 -2.92
C TYR A 394 17.02 6.50 -2.20
N ALA A 395 16.85 7.08 -1.01
CA ALA A 395 15.67 6.91 -0.16
C ALA A 395 15.52 8.22 0.61
N VAL A 396 14.52 9.01 0.22
CA VAL A 396 14.24 10.29 0.86
C VAL A 396 12.81 10.29 1.40
N SER A 397 12.55 11.12 2.40
CA SER A 397 11.21 11.21 2.97
C SER A 397 11.19 12.37 3.94
N TRP A 398 10.00 12.84 4.29
CA TRP A 398 9.86 13.94 5.24
C TRP A 398 10.18 13.37 6.61
N ASN A 399 10.91 14.13 7.40
CA ASN A 399 11.27 13.70 8.74
C ASN A 399 10.04 13.42 9.56
N THR A 400 9.05 14.31 9.49
CA THR A 400 7.79 14.12 10.22
C THR A 400 6.63 14.58 9.34
N VAL A 401 5.43 14.19 9.71
CA VAL A 401 4.23 14.58 8.97
C VAL A 401 4.07 16.09 8.88
N GLU A 402 4.41 16.81 9.95
CA GLU A 402 4.29 18.27 9.96
C GLU A 402 5.20 18.92 8.91
N ASP A 403 6.35 18.29 8.66
CA ASP A 403 7.30 18.78 7.69
C ASP A 403 6.70 18.79 6.30
N SER A 404 5.86 17.80 6.01
CA SER A 404 5.21 17.69 4.70
C SER A 404 4.08 18.70 4.54
N ILE A 405 3.76 19.40 5.61
CA ILE A 405 2.67 20.38 5.58
C ILE A 405 3.22 21.80 5.58
N ILE A 406 2.93 22.53 4.51
CA ILE A 406 3.34 23.92 4.35
C ILE A 406 2.15 24.83 4.64
N ARG A 407 2.17 25.51 5.78
CA ARG A 407 1.06 26.37 6.19
C ARG A 407 1.08 27.75 5.55
N THR A 408 -0.09 28.37 5.47
CA THR A 408 -0.24 29.67 4.85
C THR A 408 -1.32 30.51 5.58
N GLY A 409 -1.44 31.79 5.22
CA GLY A 409 -2.41 32.67 5.85
C GLY A 409 -1.84 33.48 7.01
N PHE A 410 -0.51 33.54 7.07
CA PHE A 410 0.24 34.28 8.09
C PHE A 410 1.58 34.76 7.52
N GLN A 411 2.19 35.77 8.13
CA GLN A 411 3.50 36.29 7.68
C GLN A 411 4.55 35.58 8.52
N GLY A 412 5.59 35.04 7.89
CA GLY A 412 6.61 34.37 8.69
C GLY A 412 7.27 33.13 8.12
N GLU A 413 8.11 32.54 8.96
CA GLU A 413 8.92 31.37 8.61
C GLU A 413 8.31 30.03 8.95
N SER A 414 8.99 29.00 8.47
CA SER A 414 8.63 27.61 8.70
C SER A 414 9.85 26.89 8.17
N GLY A 415 10.17 25.75 8.78
CA GLY A 415 11.31 24.96 8.38
C GLY A 415 10.83 23.56 8.03
N HIS A 416 11.52 22.89 7.11
CA HIS A 416 11.10 21.57 6.69
C HIS A 416 12.27 20.60 6.53
N ASP A 417 12.29 19.54 7.34
CA ASP A 417 13.34 18.52 7.30
C ASP A 417 12.99 17.36 6.37
N ILE A 418 13.95 16.98 5.54
CA ILE A 418 13.79 15.87 4.62
C ILE A 418 14.95 14.89 4.82
N LYS A 419 14.64 13.67 5.25
CA LYS A 419 15.66 12.64 5.46
C LYS A 419 16.05 12.13 4.08
N ILE A 420 17.36 12.04 3.85
CA ILE A 420 17.91 11.57 2.59
C ILE A 420 19.03 10.57 2.86
N THR A 421 19.05 9.50 2.08
CA THR A 421 20.12 8.53 2.18
C THR A 421 20.12 7.61 0.94
N ALA A 422 21.13 6.74 0.85
CA ALA A 422 21.27 5.81 -0.28
C ALA A 422 21.63 4.40 0.19
N GLU A 423 21.16 3.41 -0.56
CA GLU A 423 21.33 1.99 -0.24
C GLU A 423 22.72 1.41 -0.03
N ASN A 424 23.72 1.93 -0.74
CA ASN A 424 25.05 1.33 -0.65
C ASN A 424 26.24 2.28 -0.92
N THR A 425 26.70 2.30 -2.18
CA THR A 425 27.83 3.14 -2.60
C THR A 425 27.49 4.60 -2.48
N PRO A 426 28.50 5.47 -2.37
CA PRO A 426 28.29 6.92 -2.24
C PRO A 426 27.63 7.59 -3.46
N LEU A 427 26.41 8.06 -3.26
CA LEU A 427 25.61 8.75 -4.28
C LEU A 427 25.52 10.25 -3.98
N PRO A 428 25.68 11.10 -5.02
CA PRO A 428 25.62 12.54 -4.82
C PRO A 428 24.24 13.16 -4.74
N ILE A 429 24.21 14.40 -4.27
CA ILE A 429 23.00 15.21 -4.17
C ILE A 429 23.46 16.54 -4.84
N ALA A 430 23.08 16.74 -6.10
CA ALA A 430 23.48 17.93 -6.84
C ALA A 430 22.92 19.22 -6.27
N GLY A 431 21.68 19.15 -5.79
CA GLY A 431 21.03 20.32 -5.23
C GLY A 431 19.54 20.02 -5.10
N VAL A 432 18.73 21.05 -4.91
CA VAL A 432 17.30 20.88 -4.75
C VAL A 432 16.46 21.99 -5.38
N LEU A 433 15.37 21.59 -6.03
CA LEU A 433 14.44 22.50 -6.68
C LEU A 433 13.25 22.80 -5.77
N LEU A 434 13.09 24.07 -5.44
CA LEU A 434 12.05 24.51 -4.58
C LEU A 434 10.97 25.34 -5.23
N PRO A 435 9.72 24.84 -5.28
CA PRO A 435 8.62 25.59 -5.89
C PRO A 435 8.28 26.82 -5.05
N THR A 436 8.05 27.95 -5.69
CA THR A 436 7.75 29.14 -4.93
C THR A 436 6.59 29.93 -5.50
N ILE A 437 5.97 30.69 -4.61
CA ILE A 437 4.87 31.59 -4.97
C ILE A 437 5.34 32.92 -4.35
N PRO A 438 5.92 33.80 -5.16
CA PRO A 438 6.43 35.11 -4.70
C PRO A 438 5.50 35.93 -3.81
N GLY A 439 5.99 36.25 -2.63
CA GLY A 439 5.19 37.04 -1.73
C GLY A 439 4.52 36.19 -0.68
N LYS A 440 4.08 34.99 -1.06
CA LYS A 440 3.42 34.10 -0.12
C LYS A 440 4.28 32.95 0.30
N LEU A 441 5.27 32.61 -0.52
CA LEU A 441 6.13 31.48 -0.24
C LEU A 441 7.43 31.61 -1.02
N ASP A 442 8.49 32.03 -0.33
CA ASP A 442 9.81 32.19 -0.94
C ASP A 442 10.79 31.48 -0.05
N VAL A 443 11.93 31.12 -0.63
CA VAL A 443 12.97 30.43 0.11
C VAL A 443 13.76 31.35 0.99
N ASN A 444 13.95 30.97 2.25
CA ASN A 444 14.78 31.76 3.14
C ASN A 444 16.16 31.23 2.89
N LYS A 445 16.87 31.88 1.98
CA LYS A 445 18.20 31.45 1.59
C LYS A 445 19.21 31.14 2.70
N SER A 446 19.08 31.75 3.88
CA SER A 446 20.04 31.49 4.94
C SER A 446 19.63 30.43 5.98
N LYS A 447 18.33 30.19 6.14
CA LYS A 447 17.86 29.19 7.09
C LYS A 447 17.74 27.83 6.41
N THR A 448 18.15 27.77 5.16
CA THR A 448 18.11 26.55 4.35
C THR A 448 19.48 25.84 4.17
N HIS A 449 19.59 24.58 4.60
CA HIS A 449 20.86 23.84 4.48
C HIS A 449 20.64 22.32 4.46
N ILE A 450 21.72 21.56 4.30
CA ILE A 450 21.68 20.09 4.34
C ILE A 450 22.79 19.79 5.34
N SER A 451 22.57 18.83 6.21
CA SER A 451 23.62 18.45 7.15
C SER A 451 23.90 16.98 6.84
N VAL A 452 25.16 16.65 6.53
CA VAL A 452 25.57 15.28 6.21
C VAL A 452 26.41 14.67 7.34
N ASN A 453 25.78 13.82 8.15
CA ASN A 453 26.42 13.15 9.30
C ASN A 453 26.93 14.17 10.34
N GLY A 454 26.18 15.24 10.52
CA GLY A 454 26.58 16.25 11.48
C GLY A 454 27.16 17.48 10.82
N ARG A 455 27.73 17.30 9.64
CA ARG A 455 28.34 18.42 8.93
C ARG A 455 27.29 19.34 8.31
N LYS A 456 27.08 20.50 8.93
CA LYS A 456 26.11 21.44 8.41
C LYS A 456 26.76 22.13 7.22
N ILE A 457 26.16 21.94 6.05
CA ILE A 457 26.65 22.51 4.82
C ILE A 457 25.66 23.52 4.31
N ARG A 458 26.12 24.73 4.09
CA ARG A 458 25.24 25.77 3.58
C ARG A 458 24.98 25.59 2.10
N MET A 459 23.94 26.27 1.62
CA MET A 459 23.56 26.17 0.23
C MET A 459 23.44 27.48 -0.51
N ARG A 460 23.87 27.45 -1.77
CA ARG A 460 23.82 28.59 -2.67
C ARG A 460 22.46 28.50 -3.37
N CYS A 461 21.48 29.29 -2.93
CA CYS A 461 20.17 29.25 -3.57
C CYS A 461 20.08 30.38 -4.59
N ARG A 462 19.16 30.25 -5.54
CA ARG A 462 19.00 31.25 -6.58
C ARG A 462 17.67 31.06 -7.32
N ALA A 463 16.83 32.09 -7.31
CA ALA A 463 15.54 32.03 -7.99
C ALA A 463 15.77 31.88 -9.48
N ILE A 464 15.53 30.69 -10.02
CA ILE A 464 15.70 30.49 -11.44
C ILE A 464 14.62 31.30 -12.14
N ASP A 465 13.41 31.17 -11.61
CA ASP A 465 12.21 31.80 -12.12
C ASP A 465 11.61 32.39 -10.86
N GLY A 466 10.36 32.80 -10.97
CA GLY A 466 9.64 33.30 -9.81
C GLY A 466 8.86 32.08 -9.30
N ASP A 467 8.85 31.03 -10.12
CA ASP A 467 8.17 29.76 -9.86
C ASP A 467 8.98 28.68 -9.17
N VAL A 468 10.31 28.82 -9.18
CA VAL A 468 11.19 27.83 -8.58
C VAL A 468 12.58 28.39 -8.27
N THR A 469 13.06 28.11 -7.07
CA THR A 469 14.41 28.51 -6.64
C THR A 469 15.24 27.24 -6.66
N PHE A 470 16.53 27.37 -6.93
CA PHE A 470 17.38 26.21 -6.92
C PHE A 470 18.50 26.42 -5.93
N CYS A 471 18.68 25.45 -5.05
CA CYS A 471 19.72 25.50 -4.04
C CYS A 471 20.70 24.40 -4.32
N ARG A 472 21.98 24.73 -4.21
CA ARG A 472 23.09 23.82 -4.47
C ARG A 472 24.01 23.85 -3.26
N PRO A 473 24.46 22.68 -2.79
CA PRO A 473 25.36 22.66 -1.63
C PRO A 473 26.70 23.30 -1.93
N LYS A 474 27.26 23.99 -0.94
CA LYS A 474 28.55 24.65 -1.09
C LYS A 474 29.69 23.65 -1.23
N SER A 475 29.67 22.62 -0.39
CA SER A 475 30.67 21.56 -0.47
C SER A 475 29.89 20.33 -0.94
N PRO A 476 30.51 19.46 -1.76
CA PRO A 476 29.87 18.25 -2.29
C PRO A 476 29.13 17.41 -1.26
N VAL A 477 27.96 16.89 -1.63
CA VAL A 477 27.16 16.08 -0.72
C VAL A 477 26.89 14.65 -1.23
N TYR A 478 27.36 13.66 -0.48
CA TYR A 478 27.16 12.24 -0.82
C TYR A 478 26.42 11.56 0.31
N VAL A 479 25.57 10.61 -0.04
CA VAL A 479 24.84 9.84 0.95
C VAL A 479 25.04 8.41 0.54
N GLY A 480 24.90 7.49 1.50
CA GLY A 480 25.06 6.08 1.22
C GLY A 480 24.90 5.27 2.48
N ASN A 481 25.33 4.02 2.43
CA ASN A 481 25.24 3.17 3.60
C ASN A 481 26.16 3.73 4.68
N GLY A 482 25.58 4.27 5.74
CA GLY A 482 26.38 4.84 6.79
C GLY A 482 26.60 6.33 6.60
N VAL A 483 25.96 6.92 5.60
CA VAL A 483 26.13 8.35 5.38
C VAL A 483 24.77 8.91 5.06
N HIS A 484 24.16 9.50 6.06
CA HIS A 484 22.84 10.06 5.90
C HIS A 484 22.87 11.59 5.97
N ALA A 485 21.78 12.20 5.52
CA ALA A 485 21.69 13.64 5.53
C ALA A 485 20.28 14.12 5.78
N ASN A 486 20.18 15.37 6.21
CA ASN A 486 18.91 16.01 6.46
C ASN A 486 18.90 17.37 5.77
N LEU A 487 18.03 17.48 4.77
CA LEU A 487 17.83 18.72 4.04
C LEU A 487 16.76 19.53 4.79
N HIS A 488 17.12 20.75 5.13
CA HIS A 488 16.26 21.66 5.87
C HIS A 488 15.83 22.85 5.01
N VAL A 489 14.64 22.77 4.44
CA VAL A 489 14.11 23.84 3.61
C VAL A 489 13.36 24.84 4.49
N ALA A 490 13.79 26.09 4.44
CA ALA A 490 13.18 27.13 5.22
C ALA A 490 12.34 28.01 4.31
N PHE A 491 11.08 28.19 4.64
CA PHE A 491 10.20 29.04 3.82
C PHE A 491 9.88 30.33 4.56
N HIS A 492 9.62 31.35 3.77
CA HIS A 492 9.30 32.68 4.28
C HIS A 492 8.06 33.22 3.58
N ARG A 493 7.18 33.84 4.36
CA ARG A 493 5.93 34.43 3.88
C ARG A 493 5.89 35.94 4.17
N SER A 494 5.69 36.74 3.13
CA SER A 494 5.63 38.19 3.27
C SER A 494 4.18 38.70 3.31
N SER A 495 3.29 37.96 2.67
CA SER A 495 1.88 38.31 2.66
C SER A 495 1.20 37.39 3.70
N SER A 496 0.19 37.90 4.39
CA SER A 496 -0.55 37.10 5.36
C SER A 496 -1.81 36.53 4.68
N GLU A 497 -1.85 36.63 3.35
CA GLU A 497 -2.96 36.13 2.56
C GLU A 497 -2.67 34.64 2.27
N LYS A 498 -3.67 33.80 2.38
CA LYS A 498 -3.51 32.38 2.12
C LYS A 498 -3.27 32.10 0.63
N ILE A 499 -2.41 31.11 0.36
CA ILE A 499 -2.11 30.68 -0.99
C ILE A 499 -3.42 30.09 -1.54
N HIS A 500 -3.77 30.45 -2.79
CA HIS A 500 -4.98 29.94 -3.42
C HIS A 500 -4.58 28.83 -4.37
N SER A 501 -5.44 27.82 -4.49
CA SER A 501 -5.21 26.66 -5.34
C SER A 501 -4.64 26.94 -6.73
N ASN A 502 -5.25 27.85 -7.48
CA ASN A 502 -4.77 28.17 -8.82
C ASN A 502 -3.29 28.58 -8.83
N GLU A 503 -2.83 29.18 -7.73
CA GLU A 503 -1.44 29.63 -7.58
C GLU A 503 -0.43 28.47 -7.53
N ILE A 504 -0.84 27.36 -6.92
CA ILE A 504 -0.03 26.18 -6.76
C ILE A 504 0.24 25.57 -8.12
N SER A 505 1.46 25.77 -8.59
CA SER A 505 1.89 25.31 -9.89
C SER A 505 2.63 23.98 -9.82
N SER A 506 2.95 23.55 -8.59
CA SER A 506 3.67 22.30 -8.29
C SER A 506 3.57 22.01 -6.81
N ASP A 507 3.28 20.77 -6.43
CA ASP A 507 3.19 20.43 -5.02
C ASP A 507 4.30 19.54 -4.45
N SER A 508 5.51 19.62 -4.99
CA SER A 508 6.59 18.80 -4.49
C SER A 508 7.93 19.48 -4.53
N ILE A 509 8.86 18.95 -3.75
CA ILE A 509 10.22 19.47 -3.67
C ILE A 509 11.08 18.46 -4.42
N GLY A 510 11.83 18.94 -5.40
CA GLY A 510 12.66 18.05 -6.18
C GLY A 510 14.10 17.95 -5.75
N VAL A 511 14.44 16.88 -5.05
CA VAL A 511 15.82 16.66 -4.66
C VAL A 511 16.48 16.00 -5.86
N LEU A 512 17.59 16.57 -6.31
CA LEU A 512 18.33 16.06 -7.45
C LEU A 512 19.52 15.20 -7.05
N GLY A 513 19.62 14.03 -7.67
CA GLY A 513 20.70 13.12 -7.41
C GLY A 513 21.68 13.22 -8.56
N TYR A 514 22.40 12.14 -8.82
CA TYR A 514 23.40 12.10 -9.88
C TYR A 514 22.82 12.35 -11.27
N GLN A 515 23.71 12.61 -12.23
CA GLN A 515 23.32 12.89 -13.59
C GLN A 515 23.25 11.66 -14.48
N LYS A 516 22.06 11.41 -15.01
CA LYS A 516 21.83 10.26 -15.86
C LYS A 516 21.36 10.75 -17.21
N THR A 517 21.08 9.80 -18.11
CA THR A 517 20.61 10.12 -19.45
C THR A 517 19.23 9.52 -19.63
N VAL A 518 18.19 10.36 -19.63
CA VAL A 518 16.83 9.88 -19.79
C VAL A 518 16.34 10.32 -21.16
N ASP A 519 15.98 9.33 -21.97
CA ASP A 519 15.49 9.56 -23.32
C ASP A 519 16.34 10.60 -24.08
N HIS A 520 17.64 10.33 -24.12
CA HIS A 520 18.63 11.14 -24.83
C HIS A 520 19.08 12.46 -24.19
N THR A 521 18.48 12.84 -23.08
CA THR A 521 18.82 14.10 -22.43
C THR A 521 19.43 13.89 -21.06
N LYS A 522 20.58 14.54 -20.81
CA LYS A 522 21.25 14.44 -19.51
C LYS A 522 20.48 15.27 -18.50
N VAL A 523 19.97 14.57 -17.50
CA VAL A 523 19.13 15.14 -16.46
C VAL A 523 19.56 14.49 -15.14
N ASN A 524 19.21 15.11 -14.01
CA ASN A 524 19.54 14.56 -12.70
C ASN A 524 18.37 13.75 -12.17
N SER A 525 18.70 12.72 -11.40
CA SER A 525 17.72 11.85 -10.76
C SER A 525 16.86 12.77 -9.88
N LYS A 526 15.54 12.77 -10.09
CA LYS A 526 14.65 13.60 -9.29
C LYS A 526 13.96 12.68 -8.26
N LEU A 527 14.08 13.05 -6.99
CA LEU A 527 13.45 12.33 -5.87
C LEU A 527 12.48 13.35 -5.30
N SER A 528 11.20 13.03 -5.35
CA SER A 528 10.14 13.93 -4.94
C SER A 528 9.50 13.80 -3.56
N LEU A 529 9.37 14.92 -2.88
CA LEU A 529 8.75 15.00 -1.57
C LEU A 529 7.49 15.87 -1.70
N PHE A 530 6.34 15.23 -1.84
CA PHE A 530 5.08 15.96 -1.98
C PHE A 530 4.59 16.54 -0.66
N PHE A 531 4.06 17.76 -0.76
CA PHE A 531 3.58 18.46 0.43
C PHE A 531 2.15 18.93 0.25
N GLU A 532 1.60 19.44 1.35
CA GLU A 532 0.25 19.93 1.38
C GLU A 532 0.21 21.34 1.96
N ILE A 533 -0.43 22.28 1.27
CA ILE A 533 -0.53 23.63 1.80
C ILE A 533 -1.77 23.67 2.69
N LYS A 534 -1.61 24.16 3.93
CA LYS A 534 -2.70 24.19 4.90
C LYS A 534 -2.84 25.47 5.70
N SER A 535 -3.76 25.43 6.66
CA SER A 535 -4.13 26.49 7.60
C SER A 535 -4.97 27.63 7.02
N PRO B 39 16.45 27.89 -23.50
CA PRO B 39 16.87 26.56 -23.98
C PRO B 39 15.74 25.55 -23.93
N CYS B 40 14.74 25.82 -23.10
CA CYS B 40 13.59 24.91 -23.00
C CYS B 40 12.75 25.05 -24.26
N LEU B 41 12.81 26.24 -24.86
CA LEU B 41 12.08 26.54 -26.09
C LEU B 41 12.63 25.75 -27.25
N ARG B 42 13.91 25.92 -27.50
CA ARG B 42 14.59 25.25 -28.59
C ARG B 42 14.91 23.78 -28.26
N LYS B 43 16.13 23.51 -27.79
CA LYS B 43 16.57 22.15 -27.49
C LYS B 43 15.68 21.21 -26.65
N TYR B 44 15.36 21.60 -25.42
CA TYR B 44 14.57 20.75 -24.55
C TYR B 44 13.06 20.92 -24.61
N LYS B 45 12.54 21.12 -25.81
CA LYS B 45 11.09 21.27 -25.98
C LYS B 45 10.45 19.90 -25.91
N ASP B 46 9.28 19.83 -25.30
CA ASP B 46 8.55 18.58 -25.15
C ASP B 46 9.20 17.54 -24.23
N PHE B 47 10.37 17.85 -23.67
CA PHE B 47 11.02 16.94 -22.74
C PHE B 47 10.06 16.72 -21.57
N CYS B 48 9.72 17.80 -20.88
CA CYS B 48 8.80 17.70 -19.75
C CYS B 48 7.39 17.35 -20.20
N ILE B 49 6.84 16.30 -19.62
CA ILE B 49 5.49 15.85 -19.93
C ILE B 49 4.51 16.65 -19.06
N HIS B 50 4.31 16.21 -17.82
CA HIS B 50 3.39 16.91 -16.93
C HIS B 50 4.10 17.89 -16.01
N GLY B 51 4.97 18.73 -16.58
CA GLY B 51 5.69 19.70 -15.77
C GLY B 51 6.24 20.83 -16.59
N GLU B 52 6.73 21.86 -15.91
CA GLU B 52 7.30 23.00 -16.58
C GLU B 52 8.81 22.87 -16.65
N CYS B 53 9.31 23.04 -17.86
CA CYS B 53 10.73 22.96 -18.13
C CYS B 53 11.47 24.18 -17.59
N LYS B 54 12.59 23.95 -16.91
CA LYS B 54 13.42 25.01 -16.36
C LYS B 54 14.88 24.56 -16.48
N TYR B 55 15.67 25.27 -17.29
CA TYR B 55 17.05 24.88 -17.44
C TYR B 55 17.79 25.30 -16.17
N VAL B 56 18.47 24.34 -15.55
CA VAL B 56 19.24 24.62 -14.35
C VAL B 56 20.68 24.85 -14.81
N LYS B 57 21.02 26.13 -14.97
CA LYS B 57 22.34 26.57 -15.43
C LYS B 57 23.51 25.92 -14.71
N GLU B 58 23.49 26.00 -13.38
CA GLU B 58 24.53 25.43 -12.54
C GLU B 58 24.91 24.01 -12.91
N LEU B 59 23.90 23.17 -13.14
CA LEU B 59 24.11 21.77 -13.46
C LEU B 59 24.16 21.50 -14.96
N ARG B 60 23.90 22.53 -15.76
CA ARG B 60 23.90 22.42 -17.22
C ARG B 60 23.00 21.31 -17.73
N ALA B 61 21.73 21.38 -17.37
CA ALA B 61 20.74 20.38 -17.75
C ALA B 61 19.34 20.91 -17.49
N PRO B 62 18.34 20.41 -18.23
CA PRO B 62 16.97 20.89 -18.01
C PRO B 62 16.41 20.21 -16.77
N SER B 63 15.21 20.61 -16.36
CA SER B 63 14.58 20.01 -15.21
C SER B 63 13.10 20.17 -15.49
N CYS B 64 12.29 19.40 -14.79
CA CYS B 64 10.86 19.48 -14.97
C CYS B 64 10.20 19.70 -13.63
N ILE B 65 9.51 20.82 -13.48
CA ILE B 65 8.85 21.10 -12.22
C ILE B 65 7.48 20.44 -12.39
N CYS B 66 7.36 19.27 -11.80
CA CYS B 66 6.14 18.49 -11.88
C CYS B 66 4.93 19.20 -11.35
N HIS B 67 3.84 19.12 -12.12
CA HIS B 67 2.57 19.71 -11.76
C HIS B 67 2.06 18.97 -10.53
N PRO B 68 1.05 19.50 -9.83
CA PRO B 68 0.54 18.80 -8.66
C PRO B 68 0.26 17.31 -8.90
N GLY B 69 0.87 16.47 -8.06
CA GLY B 69 0.69 15.03 -8.12
C GLY B 69 1.59 14.22 -9.03
N TYR B 70 2.30 14.86 -9.95
CA TYR B 70 3.17 14.13 -10.87
C TYR B 70 4.57 13.96 -10.35
N HIS B 71 5.29 13.01 -10.94
CA HIS B 71 6.66 12.77 -10.52
C HIS B 71 7.39 12.27 -11.72
N GLY B 72 8.70 12.24 -11.61
CA GLY B 72 9.53 11.74 -12.69
C GLY B 72 10.43 12.82 -13.20
N GLU B 73 11.56 12.43 -13.75
CA GLU B 73 12.51 13.38 -14.32
C GLU B 73 11.78 14.20 -15.37
N ARG B 74 10.88 13.55 -16.10
CA ARG B 74 10.08 14.17 -17.16
C ARG B 74 8.63 14.34 -16.73
N CYS B 75 8.36 14.14 -15.44
CA CYS B 75 7.01 14.23 -14.88
C CYS B 75 6.05 13.40 -15.75
N HIS B 76 6.41 12.14 -15.91
CA HIS B 76 5.64 11.19 -16.68
C HIS B 76 4.48 10.62 -15.88
N GLY B 77 4.73 10.29 -14.61
CA GLY B 77 3.70 9.69 -13.79
C GLY B 77 3.06 10.46 -12.65
N LEU B 78 1.85 10.03 -12.31
CA LEU B 78 1.05 10.62 -11.24
C LEU B 78 1.22 9.71 -10.02
N SER B 79 1.11 10.30 -8.83
CA SER B 79 1.23 9.66 -7.51
C SER B 79 2.24 10.42 -6.63
#